data_3MUH
#
_entry.id   3MUH
#
_cell.length_a   87.430
_cell.length_b   87.430
_cell.length_c   198.460
_cell.angle_alpha   90.00
_cell.angle_beta   90.00
_cell.angle_gamma   120.00
#
_symmetry.space_group_name_H-M   'P 62 2 2'
#
loop_
_entity.id
_entity.type
_entity.pdbx_description
1 polymer 'Antibody PG9 light chain'
2 branched 2-acetamido-2-deoxy-beta-D-glucopyranose-(1-4)-2-acetamido-2-deoxy-beta-D-glucopyranose
3 water water
#
_entity_poly.entity_id   1
_entity_poly.type   'polypeptide(L)'
_entity_poly.pdbx_seq_one_letter_code
;QSALTQPASVSGSPGQSITISCNGTSNDVGGYESVSWYQQHPGKAPKVVIYDVSKRPSGVSNRFSGSKSGNTASLTISGL
QAEDEGDYYCKSLTSTRRRVFGTGTKLTVLGQPKAAPSVTLFPPSSEELQANKATLVCLISDFYPGAVTVAWKADSSPVK
AGVETTTPSKQSNNKYAASSYLSLTPEQWKSHKSYSCQVTHEGSTVEKTVAPTECS
;
_entity_poly.pdbx_strand_id   L
#
loop_
_chem_comp.id
_chem_comp.type
_chem_comp.name
_chem_comp.formula
NAG D-saccharide, beta linking 2-acetamido-2-deoxy-beta-D-glucopyranose 'C8 H15 N O6'
#
# COMPACT_ATOMS: atom_id res chain seq x y z
N SER A 2 16.14 17.68 -14.47
CA SER A 2 14.68 17.73 -14.54
C SER A 2 14.00 16.40 -14.06
N ALA A 3 12.64 16.25 -14.28
CA ALA A 3 11.83 15.07 -13.90
C ALA A 3 10.88 14.63 -15.02
N LEU A 4 10.51 13.32 -15.05
CA LEU A 4 9.57 12.76 -16.05
C LEU A 4 8.12 13.06 -15.66
N THR A 5 7.33 13.60 -16.61
CA THR A 5 5.92 13.95 -16.37
C THR A 5 5.00 12.75 -16.66
N GLN A 6 4.15 12.40 -15.69
CA GLN A 6 3.15 11.36 -15.90
C GLN A 6 1.78 11.74 -15.29
N PRO A 7 0.61 11.22 -15.79
CA PRO A 7 -0.69 11.62 -15.21
C PRO A 7 -0.78 11.32 -13.72
N ALA A 8 -1.65 12.02 -13.01
CA ALA A 8 -1.75 11.80 -11.57
C ALA A 8 -2.57 10.55 -11.25
N SER A 9 -3.77 10.44 -11.84
CA SER A 9 -4.69 9.34 -11.59
C SER A 9 -5.27 8.80 -12.87
N VAL A 10 -5.43 7.47 -12.89
CA VAL A 10 -6.05 6.68 -13.95
C VAL A 10 -6.86 5.58 -13.26
N SER A 11 -8.13 5.43 -13.69
CA SER A 11 -9.06 4.42 -13.17
C SER A 11 -9.60 3.55 -14.32
N GLY A 12 -9.75 2.25 -14.07
CA GLY A 12 -10.23 1.26 -15.05
C GLY A 12 -11.20 0.20 -14.54
N SER A 13 -12.01 -0.34 -15.45
CA SER A 13 -12.98 -1.37 -15.10
C SER A 13 -12.36 -2.77 -15.33
N PRO A 14 -12.68 -3.78 -14.46
CA PRO A 14 -12.01 -5.09 -14.57
C PRO A 14 -12.20 -5.81 -15.90
N GLY A 15 -11.13 -5.85 -16.70
CA GLY A 15 -11.10 -6.48 -18.01
C GLY A 15 -10.53 -5.62 -19.12
N GLN A 16 -10.64 -4.30 -18.94
CA GLN A 16 -10.18 -3.26 -19.87
C GLN A 16 -8.65 -3.13 -19.93
N SER A 17 -8.18 -2.41 -20.96
CA SER A 17 -6.77 -2.08 -21.11
C SER A 17 -6.61 -0.68 -20.57
N ILE A 18 -5.39 -0.35 -20.10
CA ILE A 18 -5.08 0.94 -19.51
C ILE A 18 -3.76 1.50 -20.01
N THR A 19 -3.68 2.80 -20.28
CA THR A 19 -2.41 3.37 -20.71
C THR A 19 -1.90 4.53 -19.85
N ILE A 20 -0.69 4.35 -19.26
CA ILE A 20 -0.01 5.37 -18.46
C ILE A 20 1.15 5.91 -19.27
N SER A 21 1.10 7.21 -19.62
CA SER A 21 2.16 7.88 -20.37
C SER A 21 3.27 8.32 -19.40
N CYS A 22 4.41 8.72 -19.96
CA CYS A 22 5.60 9.14 -19.23
C CYS A 22 6.33 10.08 -20.20
N ASN A 23 6.07 11.39 -20.05
CA ASN A 23 6.61 12.46 -20.91
C ASN A 23 8.01 12.90 -20.50
N GLY A 24 8.91 12.90 -21.46
CA GLY A 24 10.30 13.26 -21.22
C GLY A 24 10.89 14.18 -22.26
N THR A 25 12.24 14.16 -22.34
CA THR A 25 13.03 14.95 -23.28
C THR A 25 13.89 14.05 -24.18
N SER A 26 14.50 14.68 -25.21
CA SER A 26 15.45 14.08 -26.14
C SER A 26 16.68 13.55 -25.35
N ASN A 27 16.89 14.10 -24.13
CA ASN A 27 17.99 13.72 -23.24
C ASN A 27 17.70 12.46 -22.40
N ASP A 28 16.46 11.92 -22.48
CA ASP A 28 16.08 10.70 -21.76
C ASP A 28 15.25 9.73 -22.60
N VAL A 29 13.91 9.85 -22.53
CA VAL A 29 12.98 8.99 -23.23
C VAL A 29 13.16 9.09 -24.73
N GLY A 30 13.43 10.31 -25.20
CA GLY A 30 13.56 10.64 -26.62
C GLY A 30 14.73 10.06 -27.38
N GLY A 31 15.91 10.00 -26.76
CA GLY A 31 17.10 9.53 -27.45
C GLY A 31 17.69 8.20 -26.98
N TYR A 32 17.04 7.57 -25.96
CA TYR A 32 17.51 6.30 -25.39
C TYR A 32 16.41 5.27 -25.21
N GLU A 33 16.80 4.00 -25.35
CA GLU A 33 15.91 2.85 -25.26
C GLU A 33 15.98 2.26 -23.86
N SER A 34 16.06 3.11 -22.82
CA SER A 34 16.22 2.59 -21.47
C SER A 34 15.15 2.90 -20.41
N VAL A 35 13.94 3.21 -20.86
CA VAL A 35 12.79 3.50 -19.97
C VAL A 35 12.20 2.22 -19.31
N SER A 36 12.04 2.27 -17.98
CA SER A 36 11.53 1.17 -17.18
C SER A 36 10.33 1.54 -16.29
N TRP A 37 9.46 0.57 -16.04
CA TRP A 37 8.26 0.77 -15.25
C TRP A 37 8.26 -0.09 -14.04
N TYR A 38 7.89 0.52 -12.89
CA TYR A 38 7.80 -0.08 -11.56
C TYR A 38 6.36 -0.04 -11.01
N GLN A 39 6.04 -0.93 -10.04
CA GLN A 39 4.74 -0.91 -9.33
C GLN A 39 4.91 -0.94 -7.82
N GLN A 40 4.24 -0.01 -7.15
CA GLN A 40 4.25 0.09 -5.70
C GLN A 40 2.96 -0.41 -5.16
N HIS A 41 3.06 -1.45 -4.37
CA HIS A 41 1.95 -1.95 -3.59
C HIS A 41 2.27 -1.41 -2.17
N PRO A 42 1.27 -0.98 -1.36
CA PRO A 42 1.59 -0.34 -0.07
C PRO A 42 2.80 -0.79 0.75
N GLY A 43 2.75 -1.99 1.33
CA GLY A 43 3.87 -2.51 2.13
C GLY A 43 4.85 -3.33 1.32
N LYS A 44 5.07 -2.95 0.07
CA LYS A 44 5.95 -3.65 -0.85
C LYS A 44 7.07 -2.75 -1.34
N ALA A 45 8.10 -3.39 -1.91
CA ALA A 45 9.23 -2.73 -2.51
C ALA A 45 8.95 -2.73 -4.02
N PRO A 46 9.27 -1.63 -4.77
CA PRO A 46 8.95 -1.61 -6.21
C PRO A 46 9.37 -2.86 -6.97
N LYS A 47 8.58 -3.23 -7.99
CA LYS A 47 8.84 -4.38 -8.86
C LYS A 47 8.80 -3.94 -10.30
N VAL A 48 9.87 -4.27 -11.02
CA VAL A 48 10.04 -3.95 -12.44
C VAL A 48 9.12 -4.83 -13.26
N VAL A 49 8.22 -4.19 -14.03
CA VAL A 49 7.26 -4.90 -14.89
C VAL A 49 7.68 -4.81 -16.36
N ILE A 50 8.34 -3.69 -16.73
CA ILE A 50 8.85 -3.41 -18.07
C ILE A 50 10.21 -2.73 -17.95
N TYR A 51 11.21 -3.19 -18.69
CA TYR A 51 12.54 -2.56 -18.71
C TYR A 51 12.95 -2.37 -20.17
N ASP A 52 13.87 -1.41 -20.43
CA ASP A 52 14.33 -1.08 -21.79
C ASP A 52 13.19 -0.95 -22.80
N VAL A 53 12.13 -0.18 -22.39
CA VAL A 53 10.93 0.18 -23.16
C VAL A 53 9.85 -0.86 -23.20
N SER A 54 10.16 -2.09 -23.63
CA SER A 54 9.10 -3.05 -23.89
C SER A 54 9.36 -4.46 -23.42
N LYS A 55 10.41 -4.65 -22.63
CA LYS A 55 10.83 -6.00 -22.24
C LYS A 55 10.29 -6.40 -20.93
N ARG A 56 9.63 -7.56 -20.86
CA ARG A 56 9.15 -7.96 -19.53
C ARG A 56 10.06 -8.97 -18.84
N PRO A 57 10.45 -8.74 -17.55
CA PRO A 57 11.25 -9.76 -16.85
C PRO A 57 10.39 -10.97 -16.52
N SER A 58 11.03 -12.04 -16.07
CA SER A 58 10.37 -13.31 -15.71
C SER A 58 9.34 -13.09 -14.59
N GLY A 59 8.26 -13.88 -14.65
CA GLY A 59 7.20 -13.87 -13.64
C GLY A 59 6.25 -12.69 -13.67
N VAL A 60 6.49 -11.76 -14.61
CA VAL A 60 5.66 -10.61 -14.83
C VAL A 60 4.71 -11.03 -15.94
N SER A 61 3.40 -10.84 -15.70
CA SER A 61 2.32 -11.19 -16.63
C SER A 61 2.47 -10.57 -18.01
N ASN A 62 2.04 -11.31 -19.03
CA ASN A 62 2.05 -10.88 -20.43
C ASN A 62 0.96 -9.81 -20.72
N ARG A 63 0.19 -9.42 -19.68
CA ARG A 63 -0.82 -8.37 -19.79
C ARG A 63 -0.18 -6.99 -19.70
N PHE A 64 1.14 -6.96 -19.40
CA PHE A 64 1.94 -5.73 -19.37
C PHE A 64 2.75 -5.61 -20.66
N SER A 65 2.73 -4.40 -21.23
CA SER A 65 3.46 -4.12 -22.45
C SER A 65 4.06 -2.75 -22.34
N GLY A 66 5.13 -2.54 -23.08
CA GLY A 66 5.83 -1.27 -23.14
C GLY A 66 5.94 -0.70 -24.55
N SER A 67 6.06 0.63 -24.62
CA SER A 67 6.16 1.38 -25.89
C SER A 67 6.74 2.78 -25.72
N LYS A 68 7.22 3.35 -26.83
CA LYS A 68 7.73 4.71 -26.88
C LYS A 68 7.59 5.34 -28.26
N SER A 69 7.22 6.61 -28.26
CA SER A 69 7.06 7.43 -29.45
C SER A 69 7.51 8.82 -29.01
N GLY A 70 8.41 9.41 -29.79
CA GLY A 70 8.97 10.72 -29.52
C GLY A 70 9.60 10.78 -28.14
N ASN A 71 9.11 11.71 -27.32
CA ASN A 71 9.57 11.89 -25.94
C ASN A 71 8.60 11.24 -24.96
N THR A 72 7.58 10.50 -25.46
CA THR A 72 6.55 9.84 -24.64
C THR A 72 6.66 8.30 -24.56
N ALA A 73 6.86 7.78 -23.32
CA ALA A 73 6.89 6.35 -23.04
C ALA A 73 5.49 5.91 -22.57
N SER A 74 5.10 4.65 -22.83
CA SER A 74 3.78 4.16 -22.43
C SER A 74 3.72 2.73 -21.89
N LEU A 75 3.10 2.55 -20.71
CA LEU A 75 2.87 1.25 -20.08
C LEU A 75 1.40 0.84 -20.32
N THR A 76 1.20 -0.35 -20.91
CA THR A 76 -0.14 -0.82 -21.20
C THR A 76 -0.49 -2.10 -20.48
N ILE A 77 -1.30 -1.97 -19.44
CA ILE A 77 -1.81 -3.09 -18.67
C ILE A 77 -3.14 -3.46 -19.28
N SER A 78 -3.26 -4.64 -19.94
CA SER A 78 -4.55 -5.10 -20.50
C SER A 78 -5.16 -6.08 -19.50
N GLY A 79 -6.41 -6.47 -19.74
CA GLY A 79 -7.16 -7.42 -18.93
C GLY A 79 -7.08 -7.16 -17.45
N LEU A 80 -7.31 -5.90 -17.06
CA LEU A 80 -7.25 -5.43 -15.68
C LEU A 80 -7.85 -6.38 -14.66
N GLN A 81 -7.10 -6.60 -13.56
CA GLN A 81 -7.42 -7.49 -12.44
C GLN A 81 -7.23 -6.74 -11.13
N ALA A 82 -7.66 -7.32 -9.99
CA ALA A 82 -7.56 -6.64 -8.70
C ALA A 82 -6.12 -6.31 -8.26
N GLU A 83 -5.17 -7.25 -8.43
CA GLU A 83 -3.76 -7.05 -8.02
C GLU A 83 -3.09 -5.87 -8.72
N ASP A 84 -3.66 -5.43 -9.85
CA ASP A 84 -3.13 -4.33 -10.65
C ASP A 84 -3.28 -2.96 -10.01
N GLU A 85 -4.16 -2.83 -8.99
CA GLU A 85 -4.41 -1.59 -8.26
C GLU A 85 -3.14 -1.22 -7.52
N GLY A 86 -2.51 -0.14 -7.96
CA GLY A 86 -1.29 0.30 -7.34
C GLY A 86 -0.83 1.66 -7.82
N ASP A 87 0.40 2.00 -7.43
CA ASP A 87 1.09 3.23 -7.78
C ASP A 87 2.16 2.85 -8.81
N TYR A 88 2.14 3.53 -9.96
CA TYR A 88 3.05 3.22 -11.05
C TYR A 88 4.05 4.33 -11.33
N TYR A 89 5.32 3.98 -11.55
CA TYR A 89 6.39 4.95 -11.81
C TYR A 89 7.30 4.52 -12.94
N CYS A 90 7.68 5.50 -13.79
CA CYS A 90 8.62 5.29 -14.89
C CYS A 90 9.98 5.88 -14.56
N LYS A 91 11.01 5.20 -15.05
CA LYS A 91 12.42 5.54 -14.87
C LYS A 91 13.08 5.50 -16.27
N SER A 92 14.03 6.41 -16.53
CA SER A 92 14.81 6.43 -17.76
C SER A 92 16.28 6.72 -17.48
N LEU A 93 17.17 6.09 -18.25
CA LEU A 93 18.60 6.34 -18.19
C LEU A 93 18.84 7.52 -19.15
N THR A 94 19.72 8.49 -18.78
CA THR A 94 19.96 9.69 -19.61
C THR A 94 21.18 9.58 -20.53
N SER A 95 21.63 10.74 -21.07
CA SER A 95 22.83 10.85 -21.93
C SER A 95 24.07 10.58 -21.11
N THR A 96 23.96 10.82 -19.79
CA THR A 96 25.03 10.69 -18.79
C THR A 96 24.87 9.40 -17.97
N ARG A 97 25.20 9.48 -16.68
CA ARG A 97 25.13 8.40 -15.70
C ARG A 97 23.85 8.60 -14.84
N ARG A 98 23.32 9.85 -14.83
CA ARG A 98 22.13 10.18 -14.04
C ARG A 98 20.87 9.52 -14.60
N ARG A 99 19.83 9.46 -13.76
CA ARG A 99 18.53 8.87 -14.07
C ARG A 99 17.43 9.81 -13.63
N VAL A 100 16.33 9.80 -14.37
CA VAL A 100 15.14 10.62 -14.15
C VAL A 100 13.94 9.80 -13.67
N PHE A 101 13.06 10.43 -12.90
CA PHE A 101 11.90 9.73 -12.37
C PHE A 101 10.57 10.39 -12.66
N GLY A 102 9.58 9.52 -12.87
CA GLY A 102 8.21 9.90 -13.13
C GLY A 102 7.51 10.33 -11.85
N THR A 103 6.63 11.32 -11.98
CA THR A 103 5.80 11.90 -10.91
C THR A 103 4.96 10.81 -10.19
N GLY A 104 4.61 9.75 -10.93
CA GLY A 104 3.80 8.65 -10.45
C GLY A 104 2.36 8.71 -10.92
N THR A 105 1.69 7.54 -10.96
CA THR A 105 0.29 7.42 -11.35
C THR A 105 -0.44 6.41 -10.43
N LYS A 106 -1.55 6.85 -9.77
CA LYS A 106 -2.35 6.00 -8.89
C LYS A 106 -3.40 5.29 -9.72
N LEU A 107 -3.09 4.04 -10.12
CA LEU A 107 -4.01 3.24 -10.91
C LEU A 107 -5.03 2.50 -10.06
N THR A 108 -6.31 2.83 -10.26
CA THR A 108 -7.40 2.24 -9.49
C THR A 108 -8.29 1.30 -10.34
N VAL A 109 -8.54 0.07 -9.84
CA VAL A 109 -9.45 -0.90 -10.50
C VAL A 109 -10.84 -0.60 -9.91
N LEU A 110 -11.95 -1.06 -10.54
CA LEU A 110 -13.26 -0.65 -10.05
C LEU A 110 -14.31 -1.70 -9.63
N GLY A 111 -14.03 -3.00 -9.79
CA GLY A 111 -14.93 -4.07 -9.34
C GLY A 111 -15.21 -3.90 -7.86
N GLN A 112 -14.09 -3.71 -7.12
CA GLN A 112 -13.90 -3.31 -5.73
C GLN A 112 -15.05 -3.58 -4.74
N PRO A 113 -15.39 -4.83 -4.37
CA PRO A 113 -16.45 -5.01 -3.34
C PRO A 113 -15.94 -4.59 -1.95
N LYS A 114 -16.82 -3.96 -1.15
CA LYS A 114 -16.56 -3.55 0.24
C LYS A 114 -16.25 -4.82 1.06
N ALA A 115 -15.33 -4.69 2.03
CA ALA A 115 -14.91 -5.80 2.88
C ALA A 115 -14.51 -5.18 4.18
N ALA A 116 -15.37 -5.27 5.19
CA ALA A 116 -15.07 -4.70 6.50
C ALA A 116 -13.96 -5.50 7.18
N PRO A 117 -13.08 -4.83 7.95
CA PRO A 117 -11.98 -5.53 8.59
C PRO A 117 -12.42 -6.52 9.65
N SER A 118 -11.61 -7.55 9.86
CA SER A 118 -11.75 -8.55 10.89
C SER A 118 -10.69 -8.23 11.94
N VAL A 119 -11.16 -7.82 13.09
CA VAL A 119 -10.27 -7.40 14.15
C VAL A 119 -9.92 -8.48 15.17
N THR A 120 -8.62 -8.57 15.48
CA THR A 120 -8.04 -9.52 16.40
C THR A 120 -7.19 -8.71 17.36
N LEU A 121 -7.53 -8.71 18.65
CA LEU A 121 -6.82 -7.92 19.67
C LEU A 121 -5.99 -8.77 20.60
N PHE A 122 -4.67 -8.53 20.58
CA PHE A 122 -3.67 -9.26 21.35
C PHE A 122 -3.21 -8.57 22.60
N PRO A 123 -3.23 -9.27 23.75
CA PRO A 123 -2.67 -8.67 24.95
C PRO A 123 -1.15 -8.82 24.86
N PRO A 124 -0.38 -8.12 25.69
CA PRO A 124 1.07 -8.29 25.62
C PRO A 124 1.46 -9.66 26.18
N SER A 125 2.39 -10.34 25.49
CA SER A 125 2.89 -11.68 25.80
C SER A 125 3.71 -11.71 27.11
N SER A 126 3.67 -12.83 27.89
CA SER A 126 4.43 -12.95 29.16
C SER A 126 5.96 -12.78 28.98
N GLU A 127 6.43 -13.12 27.76
CA GLU A 127 7.78 -13.02 27.22
C GLU A 127 8.17 -11.53 27.13
N GLU A 128 7.28 -10.68 26.55
CA GLU A 128 7.43 -9.23 26.39
C GLU A 128 7.29 -8.53 27.76
N LEU A 129 6.54 -9.16 28.66
CA LEU A 129 6.27 -8.61 29.99
C LEU A 129 7.46 -8.58 30.92
N GLN A 130 8.34 -9.60 30.84
CA GLN A 130 9.56 -9.60 31.65
C GLN A 130 10.52 -8.60 31.07
N ALA A 131 10.42 -8.37 29.74
CA ALA A 131 11.24 -7.41 28.99
C ALA A 131 10.90 -5.93 29.34
N ASN A 132 9.88 -5.70 30.22
CA ASN A 132 9.40 -4.42 30.77
C ASN A 132 8.60 -3.53 29.82
N LYS A 133 7.87 -4.17 28.90
CA LYS A 133 7.01 -3.51 27.93
C LYS A 133 5.67 -4.22 27.87
N ALA A 134 4.63 -3.47 27.43
CA ALA A 134 3.24 -3.94 27.29
C ALA A 134 2.57 -3.33 26.05
N THR A 135 2.80 -3.96 24.90
CA THR A 135 2.25 -3.47 23.66
C THR A 135 1.04 -4.34 23.28
N LEU A 136 -0.11 -3.69 23.19
CA LEU A 136 -1.32 -4.35 22.79
C LEU A 136 -1.37 -4.23 21.28
N VAL A 137 -1.51 -5.38 20.56
CA VAL A 137 -1.54 -5.47 19.10
C VAL A 137 -2.93 -5.80 18.56
N CYS A 138 -3.44 -4.90 17.75
CA CYS A 138 -4.72 -4.95 17.11
C CYS A 138 -4.49 -5.22 15.63
N LEU A 139 -4.67 -6.49 15.18
CA LEU A 139 -4.45 -6.90 13.78
C LEU A 139 -5.68 -6.85 12.86
N ILE A 140 -5.74 -5.77 12.11
CA ILE A 140 -6.83 -5.40 11.21
C ILE A 140 -6.65 -6.07 9.85
N SER A 141 -7.47 -7.09 9.52
CA SER A 141 -7.26 -7.78 8.25
C SER A 141 -8.42 -7.87 7.30
N ASP A 142 -8.10 -8.22 6.06
CA ASP A 142 -9.05 -8.44 4.98
C ASP A 142 -10.03 -7.27 4.77
N PHE A 143 -9.48 -6.04 4.64
CA PHE A 143 -10.35 -4.88 4.43
C PHE A 143 -10.23 -4.15 3.09
N TYR A 144 -11.35 -3.63 2.61
CA TYR A 144 -11.41 -2.91 1.34
C TYR A 144 -12.51 -1.84 1.31
N PRO A 145 -12.23 -0.59 0.86
CA PRO A 145 -10.92 -0.07 0.40
C PRO A 145 -9.89 0.02 1.54
N GLY A 146 -8.61 0.15 1.17
CA GLY A 146 -7.52 0.16 2.13
C GLY A 146 -7.34 1.43 2.93
N ALA A 147 -8.28 1.70 3.88
CA ALA A 147 -8.28 2.85 4.81
C ALA A 147 -9.14 2.58 6.04
N VAL A 148 -8.68 2.96 7.22
CA VAL A 148 -9.40 2.82 8.51
C VAL A 148 -9.00 3.98 9.43
N THR A 149 -9.84 4.24 10.45
CA THR A 149 -9.53 5.17 11.54
C THR A 149 -9.58 4.34 12.80
N VAL A 150 -8.44 4.19 13.48
CA VAL A 150 -8.40 3.42 14.73
C VAL A 150 -8.83 4.29 15.96
N ALA A 151 -9.15 3.67 17.11
CA ALA A 151 -9.50 4.35 18.36
C ALA A 151 -9.36 3.45 19.60
N TRP A 152 -8.38 3.78 20.46
CA TRP A 152 -8.16 2.99 21.66
C TRP A 152 -8.85 3.58 22.84
N LYS A 153 -9.13 2.73 23.85
CA LYS A 153 -9.82 3.10 25.08
C LYS A 153 -9.27 2.27 26.24
N ALA A 154 -9.04 2.93 27.41
CA ALA A 154 -8.63 2.36 28.70
C ALA A 154 -9.96 2.12 29.38
N ASP A 155 -10.60 0.99 29.00
CA ASP A 155 -11.97 0.56 29.30
C ASP A 155 -12.93 1.45 28.50
N SER A 156 -13.41 2.57 29.10
CA SER A 156 -14.30 3.54 28.46
C SER A 156 -13.54 4.83 28.20
N SER A 157 -12.64 5.22 29.13
CA SER A 157 -11.80 6.42 29.02
C SER A 157 -10.87 6.30 27.79
N PRO A 158 -11.04 7.11 26.71
CA PRO A 158 -10.20 6.93 25.52
C PRO A 158 -8.77 7.38 25.72
N VAL A 159 -7.84 6.82 24.94
CA VAL A 159 -6.43 7.17 25.01
C VAL A 159 -5.95 7.63 23.64
N LYS A 160 -5.05 8.65 23.64
CA LYS A 160 -4.41 9.21 22.44
C LYS A 160 -2.87 9.11 22.58
N ALA A 161 -2.38 8.65 23.74
CA ALA A 161 -0.95 8.53 23.98
C ALA A 161 -0.47 7.09 23.84
N GLY A 162 0.69 6.93 23.21
CA GLY A 162 1.30 5.65 22.95
C GLY A 162 0.72 4.88 21.78
N VAL A 163 -0.11 5.55 20.93
CA VAL A 163 -0.76 4.94 19.75
C VAL A 163 0.06 5.05 18.46
N GLU A 164 0.25 3.92 17.81
CA GLU A 164 0.95 3.85 16.53
C GLU A 164 0.09 3.01 15.58
N THR A 165 0.00 3.43 14.32
CA THR A 165 -0.81 2.68 13.37
C THR A 165 -0.07 2.54 12.06
N THR A 166 0.15 1.27 11.61
CA THR A 166 0.83 0.96 10.36
C THR A 166 -0.04 1.43 9.20
N THR A 167 0.54 1.45 8.00
CA THR A 167 -0.22 1.81 6.82
C THR A 167 -0.73 0.48 6.31
N PRO A 168 -1.94 0.44 5.71
CA PRO A 168 -2.44 -0.83 5.15
C PRO A 168 -1.50 -1.38 4.07
N SER A 169 -1.27 -2.70 4.08
CA SER A 169 -0.45 -3.43 3.12
C SER A 169 -1.30 -4.47 2.38
N LYS A 170 -1.34 -4.36 1.06
CA LYS A 170 -2.05 -5.24 0.16
C LYS A 170 -1.58 -6.68 0.35
N GLN A 171 -2.50 -7.52 0.84
CA GLN A 171 -2.28 -8.96 1.02
C GLN A 171 -2.38 -9.72 -0.33
N SER A 172 -2.16 -11.05 -0.31
CA SER A 172 -2.23 -11.88 -1.51
C SER A 172 -3.62 -11.92 -2.17
N ASN A 173 -4.71 -11.78 -1.37
CA ASN A 173 -6.10 -11.73 -1.86
C ASN A 173 -6.51 -10.31 -2.27
N ASN A 174 -5.54 -9.38 -2.29
CA ASN A 174 -5.69 -7.96 -2.63
C ASN A 174 -6.45 -7.11 -1.62
N LYS A 175 -6.88 -7.71 -0.50
CA LYS A 175 -7.53 -6.95 0.56
C LYS A 175 -6.41 -6.36 1.45
N TYR A 176 -6.72 -5.33 2.24
CA TYR A 176 -5.66 -4.72 3.02
C TYR A 176 -5.57 -5.23 4.42
N ALA A 177 -4.39 -5.16 4.99
CA ALA A 177 -4.18 -5.58 6.37
C ALA A 177 -3.26 -4.58 7.03
N ALA A 178 -3.60 -4.19 8.27
CA ALA A 178 -2.85 -3.21 9.04
C ALA A 178 -2.71 -3.65 10.50
N SER A 179 -2.01 -2.86 11.33
CA SER A 179 -1.81 -3.17 12.75
C SER A 179 -1.70 -1.91 13.59
N SER A 180 -2.46 -1.84 14.68
CA SER A 180 -2.35 -0.73 15.60
C SER A 180 -1.76 -1.20 16.90
N TYR A 181 -0.76 -0.45 17.38
CA TYR A 181 -0.04 -0.75 18.60
C TYR A 181 -0.32 0.36 19.60
N LEU A 182 -0.74 -0.02 20.82
CA LEU A 182 -0.91 0.89 21.96
C LEU A 182 0.21 0.43 22.85
N SER A 183 1.30 1.21 22.92
CA SER A 183 2.47 0.88 23.75
C SER A 183 2.29 1.39 25.20
N LEU A 184 2.26 0.47 26.16
CA LEU A 184 2.08 0.78 27.57
C LEU A 184 3.17 0.21 28.46
N THR A 185 3.26 0.68 29.73
CA THR A 185 4.22 0.13 30.71
C THR A 185 3.53 -1.06 31.39
N PRO A 186 4.27 -2.05 31.95
CA PRO A 186 3.58 -3.19 32.59
C PRO A 186 2.64 -2.83 33.75
N GLU A 187 2.88 -1.70 34.46
CA GLU A 187 2.00 -1.28 35.57
C GLU A 187 0.74 -0.67 34.99
N GLN A 188 0.91 0.11 33.88
CA GLN A 188 -0.19 0.75 33.16
C GLN A 188 -1.17 -0.33 32.75
N TRP A 189 -0.67 -1.41 32.11
CA TRP A 189 -1.45 -2.56 31.65
C TRP A 189 -2.15 -3.30 32.79
N LYS A 190 -1.38 -3.61 33.86
CA LYS A 190 -1.88 -4.35 35.02
C LYS A 190 -3.04 -3.64 35.69
N SER A 191 -2.98 -2.28 35.74
CA SER A 191 -3.99 -1.40 36.34
C SER A 191 -5.40 -1.49 35.70
N HIS A 192 -5.59 -0.97 34.47
CA HIS A 192 -6.88 -0.98 33.79
C HIS A 192 -7.49 -2.39 33.59
N LYS A 193 -8.73 -2.55 34.08
CA LYS A 193 -9.62 -3.72 34.03
C LYS A 193 -10.08 -4.10 32.55
N SER A 194 -9.94 -3.15 31.58
CA SER A 194 -10.30 -3.37 30.19
C SER A 194 -9.60 -2.42 29.24
N TYR A 195 -9.45 -2.90 27.97
CA TYR A 195 -8.87 -2.17 26.85
C TYR A 195 -9.69 -2.49 25.61
N SER A 196 -9.84 -1.49 24.70
CA SER A 196 -10.63 -1.66 23.49
C SER A 196 -9.99 -1.13 22.23
N CYS A 197 -10.09 -1.89 21.14
CA CYS A 197 -9.61 -1.45 19.86
C CYS A 197 -10.78 -1.23 18.91
N GLN A 198 -10.97 0.01 18.44
CA GLN A 198 -12.05 0.26 17.50
C GLN A 198 -11.72 0.98 16.21
N VAL A 199 -11.71 0.20 15.13
CA VAL A 199 -11.53 0.63 13.75
C VAL A 199 -12.85 1.12 13.21
N THR A 200 -12.78 2.14 12.38
CA THR A 200 -13.93 2.66 11.71
C THR A 200 -13.58 2.58 10.23
N HIS A 201 -14.46 1.96 9.44
CA HIS A 201 -14.22 1.74 8.02
C HIS A 201 -15.51 1.89 7.22
N GLU A 202 -15.59 3.02 6.49
CA GLU A 202 -16.73 3.46 5.68
C GLU A 202 -18.01 3.50 6.55
N GLY A 203 -17.87 4.13 7.71
CA GLY A 203 -18.94 4.29 8.70
C GLY A 203 -19.08 3.18 9.71
N SER A 204 -19.09 1.92 9.21
CA SER A 204 -19.20 0.69 10.01
C SER A 204 -17.93 0.51 10.86
N THR A 205 -18.15 0.28 12.16
CA THR A 205 -17.15 0.12 13.21
C THR A 205 -17.07 -1.33 13.71
N VAL A 206 -15.83 -1.82 14.02
CA VAL A 206 -15.50 -3.16 14.53
C VAL A 206 -14.73 -3.00 15.87
N GLU A 207 -15.19 -3.68 16.96
CA GLU A 207 -14.60 -3.54 18.31
C GLU A 207 -14.24 -4.86 18.99
N LYS A 208 -12.94 -5.03 19.30
CA LYS A 208 -12.46 -6.17 20.08
C LYS A 208 -12.07 -5.73 21.49
N THR A 209 -12.15 -6.65 22.46
CA THR A 209 -11.81 -6.35 23.85
C THR A 209 -10.96 -7.45 24.40
N VAL A 210 -10.09 -7.06 25.34
CA VAL A 210 -9.22 -7.95 26.10
C VAL A 210 -9.03 -7.40 27.54
N ALA A 211 -8.92 -8.29 28.54
CA ALA A 211 -8.74 -7.92 29.96
C ALA A 211 -7.55 -8.66 30.59
N PRO A 212 -6.76 -7.99 31.47
CA PRO A 212 -5.65 -8.70 32.12
C PRO A 212 -6.12 -9.85 33.04
N THR A 213 -5.18 -10.79 33.31
CA THR A 213 -5.41 -11.98 34.13
C THR A 213 -4.47 -12.02 35.35
C1 NAG B . 2.25 14.43 -22.40
C2 NAG B . 1.07 15.15 -21.69
C3 NAG B . -0.16 15.21 -22.65
C4 NAG B . 0.13 15.39 -24.19
C5 NAG B . 1.47 14.69 -24.58
C6 NAG B . 1.99 14.90 -26.01
C7 NAG B . 1.38 14.28 -19.28
C8 NAG B . 0.54 13.77 -18.13
N2 NAG B . 0.61 14.61 -20.39
O3 NAG B . -1.02 16.26 -22.15
O4 NAG B . -0.91 14.69 -24.89
O5 NAG B . 2.48 15.06 -23.65
O6 NAG B . 2.67 13.72 -26.46
O7 NAG B . 2.61 14.38 -19.18
C1 NAG B . -1.83 15.49 -25.66
C2 NAG B . -2.50 14.55 -26.73
C3 NAG B . -3.90 15.09 -27.24
C4 NAG B . -4.82 15.81 -26.17
C5 NAG B . -3.94 16.75 -25.26
C6 NAG B . -4.72 17.46 -24.10
C7 NAG B . -1.03 13.35 -28.43
C8 NAG B . -0.19 13.67 -29.64
N2 NAG B . -1.61 14.46 -27.90
O3 NAG B . -4.55 14.11 -28.13
O4 NAG B . -6.08 16.41 -26.69
O5 NAG B . -2.75 16.07 -24.72
O6 NAG B . -4.09 17.37 -22.81
O7 NAG B . -1.17 12.20 -27.98
#